data_8P6Q
#
_entry.id   8P6Q
#
_cell.length_a   20.420
_cell.length_b   50.490
_cell.length_c   46.210
_cell.angle_alpha   90.00
_cell.angle_beta   92.94
_cell.angle_gamma   90.00
#
_symmetry.space_group_name_H-M   'P 1 21 1'
#
loop_
_entity.id
_entity.type
_entity.pdbx_description
1 polymer 'Tumor necrosis factor-binding protein 1'
2 polymer 'D-TNFR-1 CRD2'
3 non-polymer 'SULFATE ION'
4 water water
#
loop_
_entity_poly.entity_id
_entity_poly.type
_entity_poly.pdbx_seq_one_letter_code
_entity_poly.pdbx_strand_id
1 'polypeptide(L)' SCSKCRKEMGQVEISSCTVDRDTVCGCRKNQYRHYWSENLFQCFN A
2 'polypeptide(D)'
;(DSN)(DCY)(DSN)(DLY)(DCY)(DAR)(DLY)(DGL)(MED)G(DGN)(DVA)(DGL)(DIL)(DSN)(DSN)
(DCY)(DTH)(DVA)(DAS)(DAR)(DAS)(DTH)(DVA)(DCY)G(DCY)(DAR)(DLY)(DSG)(DGN)(DTY)
(DAR)(DHI)(DTY)(DTR)(DSN)(DGL)(DSG)(DLE)(DPN)(DGN)(DCY)(DPN)(DSG)
;
B
#
loop_
_chem_comp.id
_chem_comp.type
_chem_comp.name
_chem_comp.formula
SO4 non-polymer 'SULFATE ION' 'O4 S -2'
#
# COMPACT_ATOMS: atom_id res chain seq x y z
N SER A 1 -2.63 0.33 3.41
CA SER A 1 -4.01 0.11 2.89
C SER A 1 -4.05 -0.01 1.36
N CYS A 2 -4.81 -0.99 0.85
N CYS A 2 -4.83 -0.99 0.85
CA CYS A 2 -5.25 -0.89 -0.55
CA CYS A 2 -5.29 -0.96 -0.54
C CYS A 2 -6.24 0.26 -0.67
C CYS A 2 -6.35 0.12 -0.73
N SER A 3 -6.23 0.80 -1.88
CA SER A 3 -7.18 1.83 -2.30
C SER A 3 -8.49 1.22 -2.79
N LYS A 4 -9.53 2.07 -2.79
CA LYS A 4 -10.76 1.73 -3.47
C LYS A 4 -11.01 2.76 -4.57
N CYS A 5 -11.81 2.34 -5.50
CA CYS A 5 -12.20 3.22 -6.57
C CYS A 5 -13.31 4.13 -6.09
N ARG A 6 -13.38 5.31 -6.69
CA ARG A 6 -14.32 6.34 -6.26
C ARG A 6 -15.61 6.22 -7.08
N LYS A 7 -16.68 5.69 -6.48
CA LYS A 7 -17.93 5.49 -7.21
C LYS A 7 -18.56 6.84 -7.55
N GLU A 8 -18.37 7.85 -6.70
CA GLU A 8 -18.97 9.14 -6.99
C GLU A 8 -18.25 9.87 -8.12
N MET A 9 -17.04 9.40 -8.49
CA MET A 9 -16.32 9.87 -9.67
C MET A 9 -16.62 9.00 -10.89
N GLY A 10 -17.52 8.03 -10.77
CA GLY A 10 -17.85 7.12 -11.87
C GLY A 10 -16.78 6.07 -12.15
N GLN A 11 -15.82 5.87 -11.23
CA GLN A 11 -14.74 4.96 -11.48
C GLN A 11 -15.20 3.51 -11.35
N VAL A 12 -14.53 2.65 -12.13
CA VAL A 12 -14.68 1.20 -12.00
C VAL A 12 -13.34 0.57 -11.64
N GLU A 13 -13.40 -0.57 -10.96
CA GLU A 13 -12.22 -1.35 -10.66
C GLU A 13 -11.71 -2.03 -11.93
N ILE A 14 -10.42 -1.82 -12.25
CA ILE A 14 -9.73 -2.51 -13.34
C ILE A 14 -8.98 -3.75 -12.87
N SER A 15 -8.08 -3.57 -11.91
N SER A 15 -8.15 -3.60 -11.85
CA SER A 15 -7.29 -4.66 -11.37
CA SER A 15 -7.48 -4.73 -11.23
C SER A 15 -7.36 -4.57 -9.85
C SER A 15 -7.49 -4.56 -9.70
N SER A 16 -7.29 -5.72 -9.20
N SER A 16 -7.76 -5.67 -9.03
CA SER A 16 -7.41 -5.76 -7.77
CA SER A 16 -7.73 -5.77 -7.59
C SER A 16 -6.03 -5.60 -7.12
C SER A 16 -6.30 -5.68 -7.07
N CYS A 17 -6.06 -5.18 -5.86
N CYS A 17 -6.12 -5.10 -5.88
CA CYS A 17 -4.87 -4.93 -5.07
CA CYS A 17 -4.81 -4.93 -5.30
C CYS A 17 -4.16 -6.26 -4.80
C CYS A 17 -4.18 -6.28 -4.96
N THR A 18 -2.86 -6.32 -5.09
CA THR A 18 -2.03 -7.50 -4.85
C THR A 18 -0.98 -7.11 -3.82
N VAL A 19 -0.12 -8.07 -3.47
CA VAL A 19 0.97 -7.76 -2.57
C VAL A 19 1.82 -6.63 -3.14
N ASP A 20 2.05 -6.57 -4.47
N ASP A 20 2.01 -6.65 -4.47
CA ASP A 20 3.01 -5.60 -4.99
CA ASP A 20 2.97 -5.81 -5.14
C ASP A 20 2.38 -4.61 -5.97
C ASP A 20 2.35 -4.49 -5.59
N ARG A 21 1.06 -4.49 -5.97
CA ARG A 21 0.46 -3.37 -6.68
C ARG A 21 -0.84 -2.96 -6.01
N ASP A 22 -1.08 -1.65 -5.90
CA ASP A 22 -2.35 -1.17 -5.42
C ASP A 22 -3.44 -1.40 -6.46
N THR A 23 -4.66 -1.28 -6.00
CA THR A 23 -5.85 -1.30 -6.81
C THR A 23 -5.67 -0.35 -7.99
N VAL A 24 -6.12 -0.79 -9.18
CA VAL A 24 -6.13 0.05 -10.36
C VAL A 24 -7.59 0.32 -10.68
N CYS A 25 -7.88 1.62 -10.89
CA CYS A 25 -9.21 2.11 -11.14
C CYS A 25 -9.19 2.78 -12.52
N GLY A 26 -10.36 2.84 -13.14
CA GLY A 26 -10.43 3.49 -14.44
C GLY A 26 -11.88 3.77 -14.80
N CYS A 27 -12.09 3.92 -16.11
CA CYS A 27 -13.39 4.30 -16.64
C CYS A 27 -13.81 3.24 -17.66
N ARG A 28 -15.01 3.39 -18.19
CA ARG A 28 -15.50 2.51 -19.24
C ARG A 28 -15.03 2.99 -20.61
N LYS A 29 -15.06 2.10 -21.62
CA LYS A 29 -14.30 2.29 -22.85
C LYS A 29 -14.73 3.54 -23.63
N ASN A 30 -16.02 3.92 -23.56
CA ASN A 30 -16.58 5.07 -24.28
C ASN A 30 -16.41 6.40 -23.51
N GLN A 31 -15.89 6.36 -22.30
CA GLN A 31 -15.76 7.54 -21.46
C GLN A 31 -14.36 8.13 -21.61
N TYR A 32 -14.19 9.34 -21.05
CA TYR A 32 -12.87 9.91 -20.89
C TYR A 32 -12.71 10.43 -19.46
N ARG A 33 -11.45 10.71 -19.11
CA ARG A 33 -11.13 11.18 -17.78
C ARG A 33 -10.94 12.70 -17.73
N HIS A 34 -11.28 13.28 -16.57
CA HIS A 34 -10.85 14.60 -16.15
C HIS A 34 -10.10 14.47 -14.82
N TYR A 35 -8.88 14.97 -14.76
CA TYR A 35 -8.12 15.00 -13.52
C TYR A 35 -8.38 16.30 -12.78
N TRP A 36 -8.87 16.16 -11.54
CA TRP A 36 -9.12 17.30 -10.68
C TRP A 36 -7.90 17.65 -9.84
N SER A 37 -7.02 16.67 -9.71
CA SER A 37 -5.77 16.79 -8.99
C SER A 37 -4.90 15.67 -9.53
N GLU A 38 -3.64 15.58 -9.09
CA GLU A 38 -2.80 14.50 -9.62
C GLU A 38 -3.43 13.13 -9.52
N ASN A 39 -4.10 12.84 -8.39
CA ASN A 39 -4.61 11.50 -8.08
C ASN A 39 -6.09 11.34 -8.44
N LEU A 40 -6.88 12.41 -8.25
CA LEU A 40 -8.31 12.32 -8.33
C LEU A 40 -8.76 12.60 -9.76
N PHE A 41 -9.42 11.60 -10.35
CA PHE A 41 -10.02 11.78 -11.68
C PHE A 41 -11.49 11.35 -11.67
N GLN A 42 -12.23 11.86 -12.67
CA GLN A 42 -13.64 11.59 -12.86
C GLN A 42 -13.87 11.08 -14.28
N CYS A 43 -14.81 10.16 -14.41
CA CYS A 43 -15.20 9.60 -15.70
C CYS A 43 -16.40 10.34 -16.26
N PHE A 44 -16.27 10.74 -17.54
CA PHE A 44 -17.33 11.44 -18.23
C PHE A 44 -17.72 10.70 -19.50
N ASN A 45 -19.00 10.81 -19.87
CA ASN A 45 -19.52 10.07 -21.03
C ASN A 45 -19.21 10.75 -22.35
N DSN B 1 15.42 -10.38 25.33
CA DSN B 1 15.54 -10.67 23.87
C DSN B 1 14.46 -9.91 23.09
O DSN B 1 13.29 -10.17 23.33
CB DSN B 1 16.97 -10.42 23.40
OG DSN B 1 17.23 -11.06 22.15
N DCY B 2 14.89 -9.04 22.15
N DCY B 2 14.89 -8.96 22.23
CA DCY B 2 14.06 -8.24 21.25
CA DCY B 2 14.09 -8.25 21.24
C DCY B 2 13.53 -9.03 20.07
C DCY B 2 13.79 -9.11 20.03
O DCY B 2 12.88 -10.06 20.21
O DCY B 2 13.67 -10.33 20.08
CB DCY B 2 12.83 -7.59 21.87
CB DCY B 2 12.74 -7.72 21.71
SG DCY B 2 13.24 -6.77 23.42
SG DCY B 2 12.85 -6.88 23.31
N DSN B 3 13.67 -8.40 18.91
CA DSN B 3 13.19 -8.99 17.67
C DSN B 3 11.68 -8.78 17.52
O DSN B 3 11.03 -8.03 18.28
CB DSN B 3 13.97 -8.41 16.52
OG DSN B 3 13.74 -7.02 16.35
N DLY B 4 11.14 -9.49 16.52
CA DLY B 4 9.74 -9.38 16.15
C DLY B 4 9.72 -8.98 14.68
O DLY B 4 10.65 -9.24 13.94
CB DLY B 4 8.98 -10.69 16.40
CG DLY B 4 8.80 -11.03 17.88
CD DLY B 4 8.03 -12.32 18.14
CE DLY B 4 8.09 -12.76 19.60
NZ DLY B 4 7.01 -13.74 19.84
N DCY B 5 8.62 -8.38 14.28
CA DCY B 5 8.45 -7.96 12.90
C DCY B 5 8.03 -9.17 12.08
O DCY B 5 7.37 -10.09 12.58
CB DCY B 5 7.44 -6.84 12.86
SG DCY B 5 7.91 -5.40 13.87
N DAR B 6 8.44 -9.17 10.79
CA DAR B 6 8.22 -10.28 9.87
CB DAR B 6 9.30 -10.30 8.79
CG DAR B 6 10.74 -10.28 9.25
CD DAR B 6 11.23 -11.68 9.52
NE DAR B 6 10.61 -12.20 10.72
CZ DAR B 6 11.08 -12.02 11.96
NH1 DAR B 6 10.44 -12.53 12.99
NH2 DAR B 6 12.18 -11.30 12.15
C DAR B 6 6.84 -10.11 9.24
O DAR B 6 6.66 -9.37 8.25
N DLY B 7 5.86 -10.86 9.73
CA DLY B 7 4.50 -10.84 9.19
C DLY B 7 4.46 -11.30 7.75
O DLY B 7 3.68 -10.76 6.94
CB DLY B 7 3.61 -11.74 10.04
CG DLY B 7 2.13 -11.39 9.95
CD DLY B 7 1.40 -11.50 11.29
CE DLY B 7 -0.10 -11.54 11.16
NZ DLY B 7 -0.72 -12.24 12.30
N DGL B 8 5.24 -12.33 7.38
CA DGL B 8 5.22 -12.81 6.01
C DGL B 8 5.88 -11.82 5.07
O DGL B 8 5.74 -11.99 3.85
CB DGL B 8 5.94 -14.15 5.90
CG DGL B 8 5.16 -15.23 6.62
CD DGL B 8 5.91 -16.52 6.82
OE1 DGL B 8 7.03 -16.62 6.37
OE2 DGL B 8 5.38 -17.38 7.56
N MED B 9 6.63 -10.85 5.60
CA MED B 9 7.12 -9.75 4.80
C MED B 9 6.15 -8.57 4.78
O MED B 9 6.43 -7.50 4.20
CB MED B 9 8.47 -9.28 5.35
CG MED B 9 9.61 -10.30 5.21
SD MED B 9 10.26 -10.39 3.53
CE MED B 9 9.46 -11.85 2.92
N GLY B 10 4.98 -8.74 5.38
CA GLY B 10 4.01 -7.67 5.49
C GLY B 10 4.41 -6.54 6.44
N DGN B 11 5.33 -6.77 7.37
CA DGN B 11 5.74 -5.75 8.28
C DGN B 11 4.71 -5.57 9.39
O DGN B 11 4.00 -6.52 9.76
CB DGN B 11 7.08 -6.08 8.90
CG DGN B 11 8.22 -6.15 7.88
CD DGN B 11 9.53 -6.61 8.47
OE1 DGN B 11 9.66 -6.76 9.70
NE2 DGN B 11 10.54 -6.83 7.64
N DVA B 12 4.73 -4.35 9.95
CA DVA B 12 3.93 -4.00 11.12
CB DVA B 12 2.79 -3.04 10.80
CG1 DVA B 12 3.27 -1.76 10.15
CG2 DVA B 12 1.72 -3.74 9.98
C DVA B 12 4.86 -3.40 12.18
O DVA B 12 5.88 -2.80 11.87
N DGL B 13 4.49 -3.62 13.45
CA DGL B 13 5.25 -3.03 14.53
C DGL B 13 4.99 -1.53 14.56
O DGL B 13 3.86 -1.09 14.46
CB DGL B 13 4.85 -3.76 15.83
CG DGL B 13 5.52 -3.19 17.07
CD DGL B 13 4.67 -2.19 17.85
OE1 DGL B 13 3.51 -1.92 17.44
OE2 DGL B 13 5.15 -1.67 18.90
N DIL B 14 6.09 -0.75 14.67
CA DIL B 14 6.05 0.71 14.78
C DIL B 14 6.24 1.14 16.24
O DIL B 14 5.50 1.99 16.72
CB DIL B 14 7.10 1.35 13.83
CG1 DIL B 14 6.94 0.90 12.37
CG2 DIL B 14 7.07 2.87 13.93
CD1 DIL B 14 5.69 1.40 11.68
N DSN B 15 7.28 0.61 16.92
N DSN B 15 7.25 0.56 16.91
CA DSN B 15 7.51 0.87 18.32
CA DSN B 15 7.58 0.86 18.30
C DSN B 15 8.02 -0.42 18.94
C DSN B 15 8.05 -0.44 18.94
O DSN B 15 8.78 -1.17 18.31
O DSN B 15 8.79 -1.21 18.33
CB DSN B 15 8.45 2.03 18.56
CB DSN B 15 8.65 1.93 18.36
OG DSN B 15 9.71 1.81 17.96
OG DSN B 15 8.20 3.12 17.73
N DSN B 16 7.62 -0.68 20.18
CA DSN B 16 8.00 -1.90 20.87
C DSN B 16 9.40 -1.74 21.48
O DSN B 16 9.90 -0.65 21.75
CB DSN B 16 6.93 -2.30 21.87
OG DSN B 16 6.78 -1.31 22.86
N DCY B 17 9.99 -2.91 21.73
CA DCY B 17 11.26 -3.06 22.40
C DCY B 17 11.27 -2.33 23.75
O DCY B 17 10.37 -2.57 24.56
CB DCY B 17 11.52 -4.53 22.67
SG DCY B 17 13.28 -4.86 22.90
N DTH B 18 12.42 -1.50 23.99
CA DTH B 18 12.61 -0.92 25.34
CB DTH B 18 12.60 0.59 25.30
CG2 DTH B 18 13.66 1.07 24.38
OG1 DTH B 18 12.80 1.09 26.63
C DTH B 18 13.94 -1.43 25.86
O DTH B 18 14.67 -2.13 25.16
N DVA B 19 14.31 -0.88 27.08
CA DVA B 19 15.68 -1.29 27.55
CB DVA B 19 15.90 -0.69 28.93
CG1 DVA B 19 15.02 -1.37 29.96
CG2 DVA B 19 17.36 -0.76 29.37
C DVA B 19 16.72 -0.81 26.55
O DVA B 19 17.67 -1.54 26.27
N DAS B 20 16.52 0.40 26.00
CA DAS B 20 17.52 1.09 25.19
C DAS B 20 17.48 0.75 23.70
O DAS B 20 18.47 0.98 23.04
CB DAS B 20 17.35 2.61 25.31
CG DAS B 20 17.60 3.18 26.68
OD1 DAS B 20 17.26 4.39 26.90
OD2 DAS B 20 18.06 2.42 27.59
N DAR B 21 16.33 0.25 23.20
N DAR B 21 16.37 0.21 23.19
CA DAR B 21 16.02 0.23 21.77
CA DAR B 21 16.17 0.14 21.76
CB DAR B 21 15.06 1.36 21.37
CB DAR B 21 15.51 1.42 21.23
CG DAR B 21 15.52 2.76 21.77
CG DAR B 21 16.47 2.59 21.12
CD DAR B 21 14.45 3.82 22.07
CD DAR B 21 17.63 2.21 20.21
NE DAR B 21 13.59 3.64 23.25
NE DAR B 21 17.31 1.22 19.17
CZ DAR B 21 13.66 4.35 24.37
CZ DAR B 21 18.12 0.24 18.80
NH1 DAR B 21 12.63 4.43 25.20
NH1 DAR B 21 17.65 -0.92 18.39
NH2 DAR B 21 14.78 4.98 24.71
NH2 DAR B 21 19.43 0.38 18.85
C DAR B 21 15.33 -1.10 21.42
C DAR B 21 15.33 -1.07 21.40
O DAR B 21 14.39 -1.51 22.11
O DAR B 21 14.32 -1.37 22.05
N DAS B 22 15.80 -1.79 20.37
CA DAS B 22 15.07 -2.92 19.85
C DAS B 22 13.77 -2.43 19.18
O DAS B 22 13.54 -1.21 18.93
CB DAS B 22 15.93 -3.74 18.88
CG DAS B 22 15.46 -5.14 18.59
OD1 DAS B 22 16.04 -5.75 17.69
OD2 DAS B 22 14.52 -5.63 19.24
N DTH B 23 12.75 -3.42 19.04
CA DTH B 23 11.58 -3.35 18.13
CB DTH B 23 11.13 -4.75 17.77
CG2 DTH B 23 9.78 -4.76 17.12
OG1 DTH B 23 11.10 -5.46 19.02
C DTH B 23 11.93 -2.60 16.85
O DTH B 23 13.03 -2.80 16.29
N DVA B 24 10.95 -1.53 16.54
CA DVA B 24 11.06 -0.91 15.20
CB DVA B 24 11.05 0.62 15.30
CG1 DVA B 24 12.19 1.15 16.17
CG2 DVA B 24 11.10 1.21 13.92
C DVA B 24 9.90 -1.48 14.40
O DVA B 24 8.78 -1.47 14.88
N DCY B 25 10.21 -1.97 13.19
CA DCY B 25 9.22 -2.48 12.28
C DCY B 25 9.15 -1.59 11.04
O DCY B 25 10.11 -0.89 10.73
CB DCY B 25 9.59 -3.89 11.86
SG DCY B 25 9.83 -5.00 13.27
N GLY B 26 8.05 -1.69 10.30
CA GLY B 26 7.91 -0.91 9.08
C GLY B 26 6.71 -1.35 8.27
N DCY B 27 6.25 -0.42 7.42
CA DCY B 27 5.14 -0.69 6.52
C DCY B 27 4.05 0.34 6.77
O DCY B 27 4.07 1.10 7.73
CB DCY B 27 5.62 -0.63 5.06
SG DCY B 27 7.00 -1.74 4.67
N DAR B 28 3.05 0.36 5.89
CA DAR B 28 2.02 1.38 5.92
CB DAR B 28 0.70 0.72 5.53
CG DAR B 28 0.32 -0.39 6.49
CD DAR B 28 -0.17 0.18 7.84
NE DAR B 28 -1.34 1.05 7.67
CZ DAR B 28 -2.59 0.61 7.51
NH1 DAR B 28 -3.19 -0.07 8.48
NH2 DAR B 28 -3.24 0.85 6.39
C DAR B 28 2.34 2.57 5.02
O DAR B 28 3.26 2.49 4.19
N DLY B 29 1.56 3.65 5.21
CA DLY B 29 1.75 4.96 4.57
C DLY B 29 1.87 4.82 3.06
O DLY B 29 2.75 5.47 2.45
CB DLY B 29 0.64 5.94 5.02
CG DLY B 29 0.24 7.03 4.02
CD DLY B 29 1.21 8.19 3.87
CE DLY B 29 1.05 8.83 2.51
NZ DLY B 29 1.80 10.10 2.31
N DSG B 30 0.99 3.99 2.46
CA DSG B 30 0.91 3.87 1.01
C DSG B 30 1.58 2.58 0.54
O DSG B 30 1.23 2.00 -0.49
CB DSG B 30 -0.55 4.00 0.54
CG DSG B 30 -1.15 5.36 0.81
OD1 DSG B 30 -2.29 5.46 1.25
ND2 DSG B 30 -0.41 6.43 0.56
N DGN B 31 2.53 2.08 1.32
CA DGN B 31 3.37 0.99 0.88
C DGN B 31 4.78 1.51 0.68
O DGN B 31 5.12 2.59 1.13
CB DGN B 31 3.35 -0.10 1.95
CG DGN B 31 2.01 -0.82 2.00
CD DGN B 31 2.12 -2.02 2.91
OE1 DGN B 31 2.60 -1.92 4.02
NE2 DGN B 31 1.68 -3.15 2.40
N DTY B 32 5.59 0.67 0.02
CA DTY B 32 6.99 0.97 -0.20
C DTY B 32 7.77 -0.26 0.25
O DTY B 32 7.24 -1.37 0.21
CB DTY B 32 7.25 1.44 -1.64
CG DTY B 32 7.06 0.42 -2.72
CD1 DTY B 32 8.00 -0.56 -3.01
CD2 DTY B 32 5.90 0.42 -3.48
CE1 DTY B 32 7.79 -1.54 -3.99
CE2 DTY B 32 5.69 -0.52 -4.48
CZ DTY B 32 6.64 -1.49 -4.75
OH DTY B 32 6.36 -2.44 -5.75
N DAR B 33 9.04 -0.05 0.58
CA DAR B 33 9.90 -1.14 0.99
CB DAR B 33 10.86 -0.63 2.05
CG DAR B 33 10.21 -0.33 3.38
CD DAR B 33 11.24 -0.12 4.47
NE DAR B 33 10.60 0.44 5.65
CZ DAR B 33 11.15 0.51 6.86
NH1 DAR B 33 10.46 1.09 7.80
NH2 DAR B 33 12.35 0.03 7.07
C DAR B 33 10.76 -1.66 -0.15
O DAR B 33 11.17 -0.90 -1.04
N DHI B 34 11.08 -2.96 -0.11
CA DHI B 34 12.15 -3.56 -0.88
C DHI B 34 13.09 -4.24 0.10
O DHI B 34 12.63 -5.08 0.88
CB DHI B 34 11.64 -4.59 -1.88
CG DHI B 34 12.73 -5.28 -2.62
ND1 DHI B 34 13.25 -4.80 -3.80
CD2 DHI B 34 13.41 -6.43 -2.33
CE1 DHI B 34 14.20 -5.62 -4.21
NE2 DHI B 34 14.35 -6.62 -3.30
N DTY B 35 14.37 -3.88 0.09
CA DTY B 35 15.38 -4.60 0.88
C DTY B 35 15.98 -5.74 0.08
O DTY B 35 16.54 -5.62 -1.01
CB DTY B 35 16.49 -3.68 1.37
CG DTY B 35 16.10 -2.90 2.59
CD1 DTY B 35 15.23 -1.84 2.53
CD2 DTY B 35 16.47 -3.36 3.85
CE1 DTY B 35 14.81 -1.17 3.67
CE2 DTY B 35 16.08 -2.68 4.99
CZ DTY B 35 15.21 -1.62 4.92
OH DTY B 35 14.79 -0.91 6.01
N DTR B 36 15.73 -7.12 0.64
CA DTR B 36 16.31 -8.37 0.14
CB DTR B 36 15.41 -9.52 0.57
CG DTR B 36 14.05 -9.45 -0.02
CD1 DTR B 36 12.87 -9.17 0.60
NE1 DTR B 36 11.83 -9.24 -0.28
CE2 DTR B 36 12.33 -9.54 -1.52
CZ2 DTR B 36 11.66 -9.73 -2.72
CH2 DTR B 36 12.45 -10.07 -3.80
CZ3 DTR B 36 13.83 -10.19 -3.71
CE3 DTR B 36 14.49 -10.03 -2.51
CD2 DTR B 36 13.73 -9.68 -1.39
C DTR B 36 17.75 -8.55 0.62
O DTR B 36 18.51 -9.34 0.03
N DSN B 37 18.11 -7.89 1.86
CA DSN B 37 19.46 -7.91 2.45
C DSN B 37 19.52 -6.68 3.33
O DSN B 37 18.52 -5.98 3.44
CB DSN B 37 19.73 -9.17 3.26
OG DSN B 37 18.86 -9.16 4.36
N DGL B 38 20.62 -6.45 4.01
CA DGL B 38 20.74 -5.23 4.81
C DGL B 38 19.59 -5.07 5.78
O DGL B 38 19.11 -3.97 6.00
CB DGL B 38 22.09 -5.20 5.54
CG DGL B 38 23.22 -4.81 4.59
CD DGL B 38 23.36 -3.32 4.33
OE1 DGL B 38 24.40 -2.96 3.74
OE2 DGL B 38 22.49 -2.57 4.73
N DSG B 39 19.14 -6.17 6.37
CA DSG B 39 18.15 -6.07 7.43
C DSG B 39 16.76 -6.58 7.06
O DSG B 39 15.80 -6.26 7.79
CB DSG B 39 18.64 -6.75 8.70
CG DSG B 39 20.01 -6.22 9.08
OD1 DSG B 39 20.16 -5.05 9.43
ND2 DSG B 39 21.01 -7.05 8.87
N DLE B 40 16.65 -7.37 5.98
CA DLE B 40 15.39 -8.00 5.63
CB DLE B 40 15.68 -9.39 5.05
CG DLE B 40 14.64 -10.51 5.12
CD1 DLE B 40 13.35 -10.25 5.90
CD2 DLE B 40 14.45 -11.26 3.85
C DLE B 40 14.72 -7.14 4.56
O DLE B 40 15.28 -6.96 3.47
N DPN B 41 13.56 -6.58 4.91
CA DPN B 41 12.78 -5.83 3.94
C DPN B 41 11.35 -6.33 3.90
O DPN B 41 10.83 -6.94 4.85
CB DPN B 41 12.79 -4.33 4.19
CG DPN B 41 12.07 -3.92 5.47
CD1 DPN B 41 12.73 -3.94 6.69
CD2 DPN B 41 10.73 -3.57 5.46
CE1 DPN B 41 12.06 -3.57 7.85
CE2 DPN B 41 10.05 -3.20 6.62
CZ DPN B 41 10.73 -3.21 7.82
N DGN B 42 10.69 -6.05 2.76
CA DGN B 42 9.34 -6.44 2.50
C DGN B 42 8.52 -5.19 2.18
O DGN B 42 9.05 -4.26 1.51
CB DGN B 42 9.32 -7.46 1.37
CG DGN B 42 7.96 -8.07 1.13
CD DGN B 42 8.00 -9.34 0.31
OE1 DGN B 42 9.06 -9.85 -0.06
NE2 DGN B 42 6.83 -9.88 0.06
N DCY B 43 7.26 -5.21 2.60
CA DCY B 43 6.31 -4.16 2.27
C DCY B 43 5.49 -4.50 1.04
O DCY B 43 4.89 -5.56 0.92
CB DCY B 43 5.35 -3.91 3.42
SG DCY B 43 6.18 -3.59 5.00
N DPN B 44 5.39 -3.55 0.10
CA DPN B 44 4.64 -3.73 -1.14
C DPN B 44 3.62 -2.61 -1.32
O DPN B 44 3.88 -1.48 -0.93
CB DPN B 44 5.63 -3.75 -2.29
CG DPN B 44 6.45 -5.01 -2.39
CD1 DPN B 44 7.81 -5.03 -2.12
CD2 DPN B 44 5.83 -6.23 -2.63
CE1 DPN B 44 8.53 -6.21 -2.20
CE2 DPN B 44 6.56 -7.40 -2.70
CZ DPN B 44 7.91 -7.38 -2.51
N DSG B 45 2.47 -2.95 -1.91
CA DSG B 45 1.43 -1.96 -2.22
C DSG B 45 1.78 -1.15 -3.48
O DSG B 45 1.30 -0.01 -3.57
CB DSG B 45 0.06 -2.63 -2.29
CG DSG B 45 -0.40 -3.17 -0.95
OD1 DSG B 45 -0.18 -2.53 0.08
ND2 DSG B 45 -1.00 -4.34 -0.94
OXT DSG B 45 2.51 -1.69 -4.31
S SO4 C . -11.55 4.66 -31.49
O1 SO4 C . -11.44 5.23 -32.80
O2 SO4 C . -12.52 5.41 -30.75
O3 SO4 C . -10.26 4.73 -30.84
O4 SO4 C . -11.87 3.29 -31.68
S SO4 D . -16.85 6.96 -3.19
O1 SO4 D . -16.83 7.82 -4.33
O2 SO4 D . -16.81 5.57 -3.64
O3 SO4 D . -18.08 7.19 -2.50
O4 SO4 D . -15.71 7.22 -2.34
S SO4 E . -11.90 -2.27 3.88
O1 SO4 E . -10.75 -2.44 3.03
O2 SO4 E . -12.10 -0.87 4.11
O3 SO4 E . -11.71 -3.00 5.12
O4 SO4 E . -13.05 -2.77 3.18
S SO4 F . -9.77 4.46 -19.01
O1 SO4 F . -9.96 5.89 -18.84
O2 SO4 F . -8.62 4.16 -19.78
O3 SO4 F . -10.94 3.97 -19.68
O4 SO4 F . -9.63 3.81 -17.75
S SO4 G . -9.63 4.60 -0.17
O1 SO4 G . -9.32 4.79 -1.58
O2 SO4 G . -9.52 5.86 0.56
O3 SO4 G . -8.72 3.63 0.38
O4 SO4 G . -11.00 4.13 -0.04
S SO4 H . -9.05 -8.75 -10.59
O1 SO4 H . -7.75 -8.23 -10.74
O2 SO4 H . -10.03 -7.75 -10.98
O3 SO4 H . -9.19 -9.86 -11.48
O4 SO4 H . -9.31 -9.21 -9.26
S SO4 I . 0.81 -8.58 -9.62
O1 SO4 I . 2.01 -8.27 -10.37
O2 SO4 I . -0.10 -9.26 -10.51
O3 SO4 I . 1.13 -9.46 -8.55
O4 SO4 I . 0.23 -7.37 -9.13
S SO4 J . 1.97 0.61 -7.24
O1 SO4 J . 2.23 1.31 -8.44
O2 SO4 J . 0.67 0.03 -7.32
O3 SO4 J . 2.97 -0.47 -7.01
O4 SO4 J . 2.00 1.54 -6.15
S SO4 K . 13.29 -12.43 15.53
O1 SO4 K . 12.64 -11.17 15.33
O2 SO4 K . 14.32 -12.58 14.52
O3 SO4 K . 12.32 -13.50 15.38
O4 SO4 K . 13.89 -12.50 16.84
#